data_2XCJ
#
_entry.id   2XCJ
#
_cell.length_a   91.103
_cell.length_b   91.103
_cell.length_c   80.754
_cell.angle_alpha   90.00
_cell.angle_beta   90.00
_cell.angle_gamma   120.00
#
_symmetry.space_group_name_H-M   'P 32 2 1'
#
loop_
_entity.id
_entity.type
_entity.pdbx_description
1 polymer 'C PROTEIN'
2 non-polymer 'SODIUM ION'
3 non-polymer GLYCEROL
4 non-polymer 'FORMIC ACID'
5 water water
#
_entity_poly.entity_id   1
_entity_poly.type   'polypeptide(L)'
_entity_poly.pdbx_seq_one_letter_code
;MSNTISEKIVLMRKSEYLSRQQLADLTGVPYGTLSYYESGRSTPPTDVMMNILQTPQFTKYTLWFMTNQIAPESGQIAPA
LAHFGQNETTSPHSGQKTG
;
_entity_poly.pdbx_strand_id   A,B
#
# COMPACT_ATOMS: atom_id res chain seq x y z
N SER A 2 3.11 -12.73 -11.69
CA SER A 2 3.69 -12.40 -10.34
C SER A 2 4.92 -11.46 -10.43
N ASN A 3 4.83 -10.28 -9.83
CA ASN A 3 5.94 -9.34 -9.89
C ASN A 3 6.42 -8.88 -8.54
N THR A 4 7.71 -8.56 -8.45
CA THR A 4 8.27 -7.94 -7.22
C THR A 4 7.94 -6.46 -7.17
N ILE A 5 8.16 -5.83 -6.02
CA ILE A 5 7.95 -4.39 -5.87
C ILE A 5 8.65 -3.60 -6.95
N SER A 6 9.89 -3.93 -7.21
CA SER A 6 10.64 -3.17 -8.20
C SER A 6 10.04 -3.35 -9.61
N GLU A 7 9.71 -4.59 -9.97
CA GLU A 7 9.08 -4.88 -11.29
C GLU A 7 7.72 -4.14 -11.37
N LYS A 8 6.99 -4.09 -10.27
CA LYS A 8 5.71 -3.41 -10.25
C LYS A 8 5.79 -1.89 -10.48
N ILE A 9 6.76 -1.27 -9.85
CA ILE A 9 6.96 0.15 -10.03
C ILE A 9 7.31 0.41 -11.48
N VAL A 10 8.21 -0.36 -12.07
CA VAL A 10 8.54 -0.16 -13.46
C VAL A 10 7.30 -0.38 -14.35
N LEU A 11 6.52 -1.42 -14.05
CA LEU A 11 5.31 -1.74 -14.85
C LEU A 11 4.32 -0.58 -14.79
N MET A 12 4.13 0.01 -13.62
CA MET A 12 3.20 1.17 -13.47
C MET A 12 3.73 2.34 -14.28
N ARG A 13 5.03 2.60 -14.16
CA ARG A 13 5.64 3.80 -14.77
C ARG A 13 5.57 3.68 -16.31
N LYS A 14 5.92 2.51 -16.84
CA LYS A 14 5.94 2.29 -18.29
C LYS A 14 4.55 2.26 -18.89
N SER A 15 3.61 1.66 -18.19
CA SER A 15 2.23 1.62 -18.62
C SER A 15 1.60 3.00 -18.64
N GLU A 16 2.19 3.94 -17.87
CA GLU A 16 1.77 5.35 -17.86
C GLU A 16 2.59 6.20 -18.82
N TYR A 17 3.44 5.54 -19.62
CA TYR A 17 4.44 6.17 -20.49
C TYR A 17 5.15 7.35 -19.80
N LEU A 18 5.62 7.11 -18.58
CA LEU A 18 6.39 8.13 -17.88
C LEU A 18 7.83 7.70 -17.87
N SER A 19 8.72 8.67 -18.09
CA SER A 19 10.13 8.46 -17.81
C SER A 19 10.33 8.47 -16.26
N ARG A 20 11.46 7.93 -15.83
CA ARG A 20 11.80 7.99 -14.43
C ARG A 20 11.88 9.41 -13.93
N GLN A 21 12.41 10.29 -14.75
CA GLN A 21 12.49 11.68 -14.37
C GLN A 21 11.13 12.29 -14.23
N GLN A 22 10.20 12.01 -15.17
CA GLN A 22 8.79 12.45 -14.96
C GLN A 22 8.23 11.93 -13.66
N LEU A 23 8.51 10.68 -13.34
CA LEU A 23 7.94 10.09 -12.09
C LEU A 23 8.54 10.82 -10.85
N ALA A 24 9.85 11.08 -10.91
CA ALA A 24 10.54 11.80 -9.84
C ALA A 24 9.91 13.17 -9.66
N ASP A 25 9.69 13.90 -10.75
CA ASP A 25 9.08 15.21 -10.68
C ASP A 25 7.65 15.13 -10.15
N LEU A 26 6.89 14.14 -10.60
CA LEU A 26 5.51 14.01 -10.09
C LEU A 26 5.45 13.68 -8.61
N THR A 27 6.28 12.75 -8.17
CA THR A 27 6.21 12.25 -6.77
C THR A 27 7.04 13.04 -5.78
N GLY A 28 8.03 13.80 -6.27
CA GLY A 28 9.01 14.37 -5.38
C GLY A 28 10.02 13.39 -4.80
N VAL A 29 10.03 12.14 -5.24
CA VAL A 29 11.04 11.16 -4.84
C VAL A 29 12.23 11.49 -5.72
N PRO A 30 13.44 11.62 -5.12
CA PRO A 30 14.62 11.92 -5.93
C PRO A 30 14.83 10.84 -7.00
N TYR A 31 15.30 11.26 -8.17
CA TYR A 31 15.58 10.33 -9.25
C TYR A 31 16.44 9.12 -8.79
N GLY A 32 17.47 9.39 -8.02
CA GLY A 32 18.45 8.37 -7.64
C GLY A 32 17.76 7.38 -6.74
N THR A 33 16.85 7.85 -5.90
CA THR A 33 16.13 6.92 -5.02
C THR A 33 15.16 6.06 -5.82
N LEU A 34 14.44 6.67 -6.77
CA LEU A 34 13.57 5.90 -7.64
C LEU A 34 14.38 4.86 -8.39
N SER A 35 15.60 5.19 -8.80
CA SER A 35 16.41 4.24 -9.54
C SER A 35 16.67 3.04 -8.66
N TYR A 36 16.99 3.30 -7.39
CA TYR A 36 17.20 2.22 -6.41
C TYR A 36 15.92 1.34 -6.23
N TYR A 37 14.78 1.99 -6.16
CA TYR A 37 13.52 1.24 -6.06
C TYR A 37 13.24 0.40 -7.31
N GLU A 38 13.50 0.93 -8.52
CA GLU A 38 13.26 0.17 -9.72
C GLU A 38 14.21 -0.97 -9.94
N SER A 39 15.42 -0.90 -9.36
CA SER A 39 16.41 -1.93 -9.56
C SER A 39 16.29 -2.96 -8.44
N GLY A 40 15.52 -2.68 -7.41
CA GLY A 40 15.41 -3.61 -6.28
C GLY A 40 16.52 -3.41 -5.25
N ARG A 41 17.34 -2.39 -5.44
CA ARG A 41 18.39 -2.11 -4.48
C ARG A 41 17.90 -1.58 -3.13
N SER A 42 16.75 -0.91 -3.11
CA SER A 42 16.14 -0.36 -1.87
C SER A 42 14.69 -0.72 -1.93
N THR A 43 14.11 -0.95 -0.75
CA THR A 43 12.68 -1.23 -0.64
C THR A 43 12.04 0.08 -0.11
N PRO A 44 11.06 0.63 -0.80
CA PRO A 44 10.41 1.92 -0.34
C PRO A 44 9.69 1.78 0.97
N PRO A 45 9.94 2.69 1.90
CA PRO A 45 9.17 2.70 3.10
C PRO A 45 7.72 2.99 2.77
N THR A 46 6.84 2.53 3.66
CA THR A 46 5.42 2.64 3.27
C THR A 46 5.02 4.11 3.01
N ASP A 47 5.49 5.06 3.81
CA ASP A 47 5.11 6.46 3.57
C ASP A 47 5.49 6.97 2.15
N VAL A 48 6.66 6.55 1.68
CA VAL A 48 7.09 6.87 0.30
C VAL A 48 6.22 6.17 -0.70
N MET A 49 5.89 4.91 -0.41
CA MET A 49 5.03 4.18 -1.29
C MET A 49 3.64 4.81 -1.40
N MET A 50 3.15 5.33 -0.30
CA MET A 50 1.90 6.03 -0.32
C MET A 50 1.99 7.27 -1.22
N ASN A 51 3.08 8.02 -1.12
CA ASN A 51 3.28 9.19 -1.96
CA ASN A 51 3.26 9.21 -1.95
C ASN A 51 3.25 8.75 -3.42
N ILE A 52 3.90 7.62 -3.72
CA ILE A 52 3.96 7.16 -5.12
C ILE A 52 2.56 6.79 -5.59
N LEU A 53 1.83 5.99 -4.82
CA LEU A 53 0.50 5.59 -5.23
C LEU A 53 -0.55 6.71 -5.21
N GLN A 54 -0.30 7.75 -4.46
CA GLN A 54 -1.14 8.91 -4.47
C GLN A 54 -0.92 9.81 -5.68
N THR A 55 0.17 9.60 -6.43
CA THR A 55 0.38 10.29 -7.73
C THR A 55 -0.84 9.97 -8.58
N PRO A 56 -1.52 10.96 -9.13
CA PRO A 56 -2.88 10.68 -9.63
C PRO A 56 -2.95 9.47 -10.56
N GLN A 57 -1.97 9.31 -11.43
CA GLN A 57 -2.14 8.22 -12.42
C GLN A 57 -1.72 6.87 -11.89
N PHE A 58 -1.18 6.78 -10.69
CA PHE A 58 -0.87 5.51 -10.09
C PHE A 58 -1.99 5.02 -9.15
N THR A 59 -2.91 5.90 -8.77
CA THR A 59 -3.86 5.51 -7.74
C THR A 59 -4.68 4.33 -8.22
N LYS A 60 -4.98 4.27 -9.53
CA LYS A 60 -5.79 3.17 -10.06
C LYS A 60 -5.11 1.84 -9.93
N TYR A 61 -3.81 1.81 -9.62
CA TYR A 61 -3.04 0.56 -9.50
C TYR A 61 -2.88 0.04 -8.03
N THR A 62 -3.49 0.77 -7.11
CA THR A 62 -3.24 0.58 -5.69
C THR A 62 -3.53 -0.85 -5.26
N LEU A 63 -4.72 -1.33 -5.55
CA LEU A 63 -5.09 -2.65 -5.13
C LEU A 63 -4.24 -3.76 -5.73
N TRP A 64 -3.93 -3.61 -7.00
CA TRP A 64 -3.11 -4.57 -7.65
C TRP A 64 -1.71 -4.56 -7.07
N PHE A 65 -1.20 -3.35 -6.86
CA PHE A 65 0.15 -3.16 -6.39
C PHE A 65 0.35 -3.83 -5.00
N MET A 66 -0.54 -3.50 -4.09
CA MET A 66 -0.41 -3.98 -2.71
C MET A 66 -0.91 -5.39 -2.48
N THR A 67 -1.93 -5.82 -3.22
CA THR A 67 -2.63 -7.03 -2.92
C THR A 67 -2.79 -8.03 -4.07
N ASN A 68 -2.32 -7.68 -5.25
CA ASN A 68 -2.43 -8.56 -6.42
C ASN A 68 -3.88 -8.92 -6.79
N GLN A 69 -4.81 -8.00 -6.57
CA GLN A 69 -6.23 -8.09 -6.87
C GLN A 69 -6.61 -6.82 -7.58
N ILE A 70 -7.64 -6.90 -8.39
CA ILE A 70 -8.19 -5.72 -9.09
C ILE A 70 -9.69 -5.57 -8.82
N ALA A 71 -10.26 -4.40 -9.18
CA ALA A 71 -11.71 -4.10 -9.04
C ALA A 71 -12.01 -3.04 -10.09
N PRO A 72 -12.12 -3.45 -11.34
CA PRO A 72 -12.22 -2.43 -12.42
C PRO A 72 -13.49 -1.62 -12.43
N GLU A 73 -14.59 -2.14 -11.86
CA GLU A 73 -15.80 -1.42 -11.72
C GLU A 73 -15.60 -0.14 -10.86
N SER A 74 -14.58 -0.14 -10.02
CA SER A 74 -14.19 1.05 -9.23
C SER A 74 -12.97 1.72 -9.77
N GLY A 75 -12.50 1.34 -10.95
CA GLY A 75 -11.29 1.97 -11.52
C GLY A 75 -10.00 1.29 -11.15
N GLN A 76 -10.04 0.22 -10.34
CA GLN A 76 -8.82 -0.40 -9.86
C GLN A 76 -8.42 -1.49 -10.85
N ILE A 77 -7.26 -1.28 -11.48
CA ILE A 77 -6.78 -2.16 -12.53
C ILE A 77 -5.34 -2.51 -12.35
N ALA A 78 -4.82 -3.39 -13.23
CA ALA A 78 -3.41 -3.70 -13.30
C ALA A 78 -2.85 -2.89 -14.45
N PRO A 79 -1.56 -2.55 -14.38
CA PRO A 79 -0.96 -1.81 -15.50
C PRO A 79 -1.03 -2.74 -16.73
N ALA A 80 -1.32 -2.13 -17.86
CA ALA A 80 -1.46 -2.84 -19.13
C ALA A 80 -0.29 -3.75 -19.43
N LEU A 81 0.91 -3.27 -19.16
CA LEU A 81 2.09 -3.99 -19.51
C LEU A 81 2.37 -5.20 -18.59
N ALA A 82 1.65 -5.34 -17.47
CA ALA A 82 1.78 -6.45 -16.58
C ALA A 82 1.15 -7.71 -17.20
N HIS A 83 0.22 -7.54 -18.15
CA HIS A 83 -0.53 -8.67 -18.75
C HIS A 83 -1.19 -9.47 -17.60
N PHE A 84 -1.86 -8.75 -16.68
CA PHE A 84 -2.39 -9.39 -15.43
C PHE A 84 -3.55 -10.37 -15.77
N GLY A 85 -3.65 -11.56 -15.14
CA GLY A 85 -4.78 -12.51 -15.38
C GLY A 85 -4.50 -13.71 -16.30
N SER B 2 -6.67 13.59 9.13
CA SER B 2 -5.76 12.59 8.50
C SER B 2 -5.06 11.73 9.59
N ASN B 3 -4.64 10.54 9.21
CA ASN B 3 -4.07 9.63 10.16
C ASN B 3 -2.68 9.26 9.65
N THR B 4 -1.72 9.17 10.56
CA THR B 4 -0.40 8.64 10.22
C THR B 4 -0.46 7.15 10.03
N ILE B 5 0.64 6.54 9.51
CA ILE B 5 0.67 5.10 9.32
C ILE B 5 0.39 4.35 10.62
N SER B 6 1.03 4.80 11.67
CA SER B 6 0.86 4.17 12.98
C SER B 6 -0.58 4.23 13.41
N GLU B 7 -1.20 5.40 13.25
CA GLU B 7 -2.61 5.52 13.63
C GLU B 7 -3.47 4.62 12.79
N LYS B 8 -3.16 4.53 11.50
CA LYS B 8 -4.00 3.74 10.60
C LYS B 8 -3.94 2.26 10.92
N ILE B 9 -2.76 1.78 11.27
CA ILE B 9 -2.62 0.36 11.66
C ILE B 9 -3.50 0.07 12.90
N VAL B 10 -3.41 0.93 13.91
CA VAL B 10 -4.22 0.80 15.12
C VAL B 10 -5.72 0.80 14.74
N LEU B 11 -6.12 1.73 13.88
CA LEU B 11 -7.53 1.83 13.47
C LEU B 11 -8.03 0.56 12.77
N MET B 12 -7.23 0.00 11.88
CA MET B 12 -7.60 -1.19 11.17
C MET B 12 -7.73 -2.35 12.18
N ARG B 13 -6.77 -2.49 13.07
CA ARG B 13 -6.77 -3.64 13.99
C ARG B 13 -7.96 -3.57 14.93
N LYS B 14 -8.16 -2.41 15.54
CA LYS B 14 -9.24 -2.21 16.51
C LYS B 14 -10.58 -2.35 15.83
N SER B 15 -10.70 -1.83 14.59
CA SER B 15 -11.97 -1.97 13.89
C SER B 15 -12.30 -3.41 13.56
N GLU B 16 -11.27 -4.25 13.48
CA GLU B 16 -11.40 -5.71 13.19
C GLU B 16 -11.47 -6.56 14.47
N TYR B 17 -11.57 -5.83 15.58
CA TYR B 17 -11.55 -6.34 16.96
C TYR B 17 -10.47 -7.42 17.13
N LEU B 18 -9.26 -7.09 16.74
CA LEU B 18 -8.14 -8.00 16.92
C LEU B 18 -7.23 -7.41 17.98
N SER B 19 -6.72 -8.24 18.89
CA SER B 19 -5.60 -7.84 19.75
C SER B 19 -4.34 -7.75 18.86
N ARG B 20 -3.33 -7.06 19.34
CA ARG B 20 -2.08 -7.10 18.66
C ARG B 20 -1.51 -8.52 18.48
N GLN B 21 -1.58 -9.36 19.51
CA GLN B 21 -1.10 -10.75 19.37
C GLN B 21 -1.90 -11.47 18.30
N GLN B 22 -3.20 -11.23 18.26
CA GLN B 22 -3.99 -11.88 17.22
C GLN B 22 -3.58 -11.39 15.85
N LEU B 23 -3.24 -10.14 15.72
CA LEU B 23 -2.83 -9.60 14.43
C LEU B 23 -1.46 -10.17 14.07
N ALA B 24 -0.60 -10.34 15.08
CA ALA B 24 0.69 -10.95 14.84
C ALA B 24 0.51 -12.37 14.28
N ASP B 25 -0.35 -13.14 14.92
CA ASP B 25 -0.57 -14.49 14.52
C ASP B 25 -1.22 -14.60 13.16
N LEU B 26 -2.15 -13.73 12.83
CA LEU B 26 -2.73 -13.81 11.49
C LEU B 26 -1.78 -13.34 10.40
N THR B 27 -1.04 -12.26 10.66
CA THR B 27 -0.23 -11.68 9.58
C THR B 27 1.11 -12.37 9.43
N GLY B 28 1.54 -13.04 10.48
CA GLY B 28 2.89 -13.57 10.64
C GLY B 28 3.94 -12.47 10.91
N VAL B 29 3.50 -11.27 11.17
CA VAL B 29 4.41 -10.17 11.59
C VAL B 29 4.62 -10.29 13.12
N PRO B 30 5.86 -10.29 13.59
CA PRO B 30 6.04 -10.52 15.01
C PRO B 30 5.45 -9.39 15.84
N TYR B 31 4.98 -9.75 17.02
CA TYR B 31 4.36 -8.81 17.94
C TYR B 31 5.21 -7.60 18.20
N GLY B 32 6.52 -7.79 18.37
CA GLY B 32 7.42 -6.65 18.57
C GLY B 32 7.36 -5.66 17.44
N THR B 33 7.43 -6.16 16.19
CA THR B 33 7.44 -5.31 15.04
C THR B 33 6.11 -4.56 14.95
N LEU B 34 5.03 -5.28 15.13
CA LEU B 34 3.71 -4.60 15.07
C LEU B 34 3.61 -3.52 16.14
N SER B 35 4.17 -3.78 17.30
CA SER B 35 4.18 -2.83 18.42
CA SER B 35 4.15 -2.80 18.39
C SER B 35 4.90 -1.53 17.96
N TYR B 36 6.01 -1.68 17.27
CA TYR B 36 6.79 -0.54 16.82
C TYR B 36 6.08 0.19 15.67
N TYR B 37 5.40 -0.56 14.83
CA TYR B 37 4.56 0.07 13.78
C TYR B 37 3.43 0.88 14.37
N GLU B 38 2.79 0.35 15.43
CA GLU B 38 1.71 1.08 16.07
C GLU B 38 2.12 2.23 16.88
N SER B 39 3.32 2.24 17.43
CA SER B 39 3.79 3.38 18.16
C SER B 39 4.46 4.42 17.23
N GLY B 40 4.83 4.03 16.03
CA GLY B 40 5.68 4.87 15.17
C GLY B 40 7.15 4.77 15.35
N ARG B 41 7.60 3.90 16.28
CA ARG B 41 8.99 3.66 16.47
C ARG B 41 9.68 3.14 15.17
N SER B 42 8.95 2.37 14.40
CA SER B 42 9.45 1.88 13.12
C SER B 42 8.38 2.11 12.07
N THR B 43 8.80 2.24 10.82
CA THR B 43 7.90 2.37 9.66
C THR B 43 8.01 1.13 8.82
N PRO B 44 6.89 0.55 8.42
CA PRO B 44 7.00 -0.72 7.68
C PRO B 44 7.60 -0.55 6.30
N PRO B 45 8.52 -1.46 5.89
CA PRO B 45 8.87 -1.55 4.51
C PRO B 45 7.62 -1.92 3.72
N THR B 46 7.60 -1.52 2.45
CA THR B 46 6.47 -1.83 1.63
C THR B 46 6.12 -3.34 1.55
N ASP B 47 7.11 -4.22 1.43
CA ASP B 47 6.83 -5.68 1.41
C ASP B 47 6.04 -6.13 2.65
N VAL B 48 6.40 -5.61 3.82
CA VAL B 48 5.66 -5.98 5.06
C VAL B 48 4.25 -5.38 5.03
N MET B 49 4.14 -4.13 4.54
CA MET B 49 2.80 -3.53 4.47
C MET B 49 1.93 -4.36 3.52
N MET B 50 2.49 -4.85 2.45
CA MET B 50 1.76 -5.73 1.51
CA MET B 50 1.74 -5.71 1.53
C MET B 50 1.25 -6.97 2.24
N ASN B 51 2.11 -7.55 3.06
CA ASN B 51 1.71 -8.76 3.74
CA ASN B 51 1.77 -8.76 3.80
C ASN B 51 0.60 -8.43 4.73
N ILE B 52 0.68 -7.27 5.38
CA ILE B 52 -0.41 -6.89 6.31
C ILE B 52 -1.72 -6.71 5.56
N LEU B 53 -1.69 -5.95 4.44
CA LEU B 53 -2.90 -5.71 3.69
C LEU B 53 -3.43 -6.90 2.92
N GLN B 54 -2.60 -7.90 2.69
CA GLN B 54 -3.02 -9.13 2.11
C GLN B 54 -3.68 -10.08 3.14
N THR B 55 -3.58 -9.76 4.42
CA THR B 55 -4.26 -10.53 5.46
C THR B 55 -5.77 -10.33 5.16
N PRO B 56 -6.54 -11.39 5.05
CA PRO B 56 -7.88 -11.32 4.47
C PRO B 56 -8.75 -10.18 5.01
N GLN B 57 -8.74 -9.93 6.31
CA GLN B 57 -9.67 -8.84 6.82
C GLN B 57 -9.17 -7.47 6.74
N PHE B 58 -7.92 -7.28 6.28
CA PHE B 58 -7.41 -5.94 6.04
CA PHE B 58 -7.40 -5.94 6.05
C PHE B 58 -7.44 -5.54 4.58
N THR B 59 -7.62 -6.52 3.66
CA THR B 59 -7.67 -6.18 2.24
C THR B 59 -8.64 -5.09 1.88
N LYS B 60 -9.79 -5.11 2.54
CA LYS B 60 -10.81 -4.08 2.32
C LYS B 60 -10.38 -2.65 2.63
N TYR B 61 -9.28 -2.48 3.38
CA TYR B 61 -8.81 -1.15 3.77
C TYR B 61 -7.69 -0.65 2.89
N THR B 62 -7.32 -1.41 1.86
CA THR B 62 -6.14 -1.13 1.10
C THR B 62 -6.15 0.28 0.49
N LEU B 63 -7.24 0.64 -0.18
CA LEU B 63 -7.32 1.94 -0.87
CA LEU B 63 -7.36 1.94 -0.84
C LEU B 63 -7.30 3.07 0.15
N TRP B 64 -8.02 2.90 1.22
CA TRP B 64 -8.06 3.90 2.24
C TRP B 64 -6.69 4.04 2.85
N PHE B 65 -6.05 2.90 3.15
CA PHE B 65 -4.79 2.98 3.86
C PHE B 65 -3.72 3.70 3.04
N MET B 66 -3.56 3.31 1.79
CA MET B 66 -2.51 3.87 0.95
C MET B 66 -2.79 5.23 0.32
N THR B 67 -4.06 5.55 0.07
CA THR B 67 -4.43 6.68 -0.72
C THR B 67 -5.51 7.56 -0.09
N ASN B 68 -6.04 7.18 1.06
CA ASN B 68 -7.10 8.01 1.69
C ASN B 68 -8.37 8.17 0.83
N GLN B 69 -8.66 7.19 0.01
CA GLN B 69 -9.89 7.10 -0.76
C GLN B 69 -10.54 5.81 -0.52
N ILE B 70 -11.85 5.74 -0.75
CA ILE B 70 -12.59 4.50 -0.61
C ILE B 70 -13.41 4.18 -1.89
N ALA B 71 -13.91 2.94 -1.98
CA ALA B 71 -14.70 2.43 -3.12
C ALA B 71 -15.58 1.30 -2.60
N PRO B 72 -16.60 1.66 -1.81
CA PRO B 72 -17.40 0.60 -1.13
C PRO B 72 -18.14 -0.34 -2.05
N GLU B 73 -18.49 0.13 -3.22
CA GLU B 73 -19.11 -0.75 -4.21
C GLU B 73 -18.25 -1.96 -4.56
N SER B 74 -16.96 -1.86 -4.33
CA SER B 74 -16.05 -2.97 -4.55
C SER B 74 -15.53 -3.49 -3.23
N GLY B 75 -16.13 -3.10 -2.12
CA GLY B 75 -15.72 -3.53 -0.77
C GLY B 75 -14.60 -2.78 -0.13
N GLN B 76 -14.09 -1.70 -0.76
CA GLN B 76 -12.98 -0.91 -0.21
C GLN B 76 -13.56 0.17 0.66
N ILE B 77 -13.28 0.07 1.94
CA ILE B 77 -13.92 0.93 2.94
C ILE B 77 -12.80 1.51 3.85
N ALA B 78 -13.20 2.41 4.76
CA ALA B 78 -12.32 2.88 5.82
C ALA B 78 -12.69 2.10 7.07
N PRO B 79 -11.73 1.91 8.01
CA PRO B 79 -12.09 1.24 9.26
C PRO B 79 -13.11 2.08 10.00
N ALA B 80 -14.09 1.42 10.59
CA ALA B 80 -15.21 2.11 11.20
C ALA B 80 -14.76 3.15 12.20
N LEU B 81 -13.72 2.84 12.97
CA LEU B 81 -13.28 3.68 14.02
C LEU B 81 -12.57 4.93 13.56
N ALA B 82 -12.27 5.01 12.27
CA ALA B 82 -11.58 6.14 11.68
C ALA B 82 -12.55 7.30 11.51
N HIS B 83 -13.83 6.99 11.51
CA HIS B 83 -14.90 8.05 11.31
C HIS B 83 -14.65 8.80 9.97
N PHE B 84 -14.27 8.05 8.94
CA PHE B 84 -13.85 8.67 7.66
C PHE B 84 -15.03 9.41 7.00
N GLY B 85 -14.78 10.54 6.32
CA GLY B 85 -15.89 11.34 5.81
C GLY B 85 -16.75 11.71 7.02
#